data_7MB9
#
_entry.id   7MB9
#
_cell.length_a   54.222
_cell.length_b   97.893
_cell.length_c   67.506
_cell.angle_alpha   90.000
_cell.angle_beta   102.480
_cell.angle_gamma   90.000
#
_symmetry.space_group_name_H-M   'P 1 21 1'
#
loop_
_entity.id
_entity.type
_entity.pdbx_description
1 polymer '3C-like proteinase'
2 polymer ARG-GLU-PRO-MET-LEU-GLN
3 water water
#
loop_
_entity_poly.entity_id
_entity_poly.type
_entity_poly.pdbx_seq_one_letter_code
_entity_poly.pdbx_strand_id
1 'polypeptide(L)'
;SGFRKMAFPSGKVEGCMVQVTCGTTTLNGLWLDDVVYCPRHVICTSEDMLNPNYEDLLIRKSNHNFLVQAGNVQLRVIGH
SMQNCVLKLKVDTANPKTPKYKFVRIQPGQTFSVLACYNGSPSGVYQCAMRPNFTIKGSFLNGSAGSVGFNIDYDCVSFC
YMHHMELPTGVHAGTDLEGNFYGPFVDRQTAQAAGTDTTITVNVLAWLYAAVINGDRWFLNRFTTTLNDFNLVAMKYNYE
PLTQDHVDILGPLSAQTGIAVLDMCASLKELLQNGMNGRTILGSALLEDEFTPFDVVRQCSGVTFQ
;
A,B
2 'polypeptide(L)' REPMLQ C,D
#
# COMPACT_ATOMS: atom_id res chain seq x y z
N SER A 1 8.97 9.65 11.00
CA SER A 1 9.58 8.30 11.03
C SER A 1 8.52 7.22 10.72
N GLY A 2 8.96 5.98 10.74
CA GLY A 2 8.15 4.88 10.26
C GLY A 2 8.52 4.49 8.83
N PHE A 3 8.16 3.28 8.44
CA PHE A 3 8.52 2.78 7.11
C PHE A 3 7.48 1.76 6.70
N ARG A 4 6.76 2.05 5.61
CA ARG A 4 5.66 1.23 5.15
C ARG A 4 5.80 1.00 3.66
N LYS A 5 5.19 -0.08 3.18
CA LYS A 5 5.01 -0.29 1.74
C LYS A 5 4.07 0.78 1.21
N MET A 6 4.60 1.78 0.55
CA MET A 6 3.88 2.99 0.22
C MET A 6 3.67 3.07 -1.30
N ALA A 7 2.43 3.11 -1.70
CA ALA A 7 2.07 3.25 -3.11
C ALA A 7 1.86 4.72 -3.47
N PHE A 8 2.02 5.04 -4.74
CA PHE A 8 1.70 6.38 -5.21
C PHE A 8 0.20 6.61 -5.15
N PRO A 9 -0.25 7.86 -4.92
CA PRO A 9 -1.70 8.14 -5.02
C PRO A 9 -2.21 7.71 -6.38
N SER A 10 -3.41 7.11 -6.42
CA SER A 10 -3.90 6.37 -7.59
C SER A 10 -4.92 7.17 -8.42
N GLY A 11 -5.30 8.37 -7.98
CA GLY A 11 -6.34 9.11 -8.69
C GLY A 11 -6.09 9.25 -10.18
N LYS A 12 -4.90 9.73 -10.57
CA LYS A 12 -4.66 9.98 -11.99
C LYS A 12 -4.83 8.73 -12.81
N VAL A 13 -4.47 7.57 -12.26
CA VAL A 13 -4.64 6.32 -13.01
C VAL A 13 -6.09 5.83 -12.96
N GLU A 14 -6.77 6.06 -11.84
CA GLU A 14 -8.17 5.68 -11.74
C GLU A 14 -8.99 6.30 -12.87
N GLY A 15 -8.66 7.52 -13.26
CA GLY A 15 -9.39 8.22 -14.30
C GLY A 15 -9.13 7.72 -15.71
N CYS A 16 -8.23 6.74 -15.84
CA CYS A 16 -7.92 6.16 -17.16
C CYS A 16 -8.40 4.74 -17.35
N MET A 17 -8.97 4.15 -16.33
CA MET A 17 -9.37 2.75 -16.33
C MET A 17 -10.75 2.61 -16.95
N VAL A 18 -10.86 1.68 -17.87
CA VAL A 18 -12.10 1.38 -18.55
C VAL A 18 -12.28 -0.14 -18.59
N GLN A 19 -13.48 -0.58 -18.94
CA GLN A 19 -13.77 -1.99 -19.14
C GLN A 19 -13.81 -2.26 -20.63
N VAL A 20 -13.28 -3.41 -21.03
CA VAL A 20 -13.26 -3.87 -22.42
C VAL A 20 -13.87 -5.27 -22.45
N THR A 21 -14.83 -5.46 -23.33
CA THR A 21 -15.50 -6.74 -23.47
C THR A 21 -15.52 -7.13 -24.94
N CYS A 22 -15.07 -8.34 -25.24
CA CYS A 22 -15.14 -8.90 -26.60
C CYS A 22 -15.85 -10.23 -26.39
N GLY A 23 -17.13 -10.26 -26.70
CA GLY A 23 -17.92 -11.45 -26.50
C GLY A 23 -18.31 -11.63 -25.06
N THR A 24 -17.83 -12.71 -24.45
CA THR A 24 -18.17 -13.05 -23.07
C THR A 24 -17.04 -12.78 -22.09
N THR A 25 -15.85 -12.47 -22.60
CA THR A 25 -14.69 -12.24 -21.74
C THR A 25 -14.49 -10.74 -21.57
N THR A 26 -14.25 -10.33 -20.32
CA THR A 26 -14.09 -8.93 -19.97
C THR A 26 -12.78 -8.76 -19.21
N LEU A 27 -12.12 -7.65 -19.45
CA LEU A 27 -10.99 -7.26 -18.61
C LEU A 27 -10.89 -5.74 -18.60
N ASN A 28 -9.78 -5.19 -18.05
CA ASN A 28 -9.58 -3.75 -17.98
C ASN A 28 -8.77 -3.21 -19.16
N GLY A 29 -9.03 -1.96 -19.50
CA GLY A 29 -8.24 -1.23 -20.47
C GLY A 29 -7.73 0.07 -19.86
N LEU A 30 -6.65 0.59 -20.41
CA LEU A 30 -6.09 1.87 -20.01
C LEU A 30 -6.35 2.87 -21.12
N TRP A 31 -7.12 3.93 -20.80
CA TRP A 31 -7.62 4.91 -21.75
C TRP A 31 -6.78 6.17 -21.63
N LEU A 32 -5.90 6.38 -22.60
CA LEU A 32 -5.04 7.56 -22.66
C LEU A 32 -5.23 8.21 -24.02
N ASP A 33 -5.48 9.52 -24.02
CA ASP A 33 -5.87 10.27 -25.22
C ASP A 33 -6.98 9.47 -25.90
N ASP A 34 -6.87 9.15 -27.19
CA ASP A 34 -7.95 8.44 -27.85
C ASP A 34 -7.60 6.99 -28.14
N VAL A 35 -6.74 6.42 -27.29
CA VAL A 35 -6.36 5.03 -27.44
C VAL A 35 -6.60 4.28 -26.14
N VAL A 36 -7.17 3.10 -26.27
CA VAL A 36 -7.37 2.18 -25.15
C VAL A 36 -6.43 0.99 -25.33
N TYR A 37 -5.56 0.81 -24.35
CA TYR A 37 -4.59 -0.27 -24.34
C TYR A 37 -5.15 -1.36 -23.44
N CYS A 38 -5.14 -2.60 -23.92
CA CYS A 38 -5.58 -3.72 -23.11
C CYS A 38 -4.90 -5.02 -23.54
N PRO A 39 -4.94 -6.04 -22.70
CA PRO A 39 -4.31 -7.31 -23.09
C PRO A 39 -5.02 -7.96 -24.27
N ARG A 40 -4.23 -8.58 -25.16
CA ARG A 40 -4.85 -9.13 -26.37
C ARG A 40 -5.74 -10.33 -26.09
N HIS A 41 -5.56 -11.01 -24.92
CA HIS A 41 -6.36 -12.22 -24.73
C HIS A 41 -7.82 -11.91 -24.40
N VAL A 42 -8.20 -10.64 -24.50
CA VAL A 42 -9.61 -10.30 -24.40
C VAL A 42 -10.40 -10.84 -25.60
N ILE A 43 -9.72 -11.13 -26.71
CA ILE A 43 -10.42 -11.69 -27.87
C ILE A 43 -10.60 -13.18 -27.77
N CYS A 44 -10.08 -13.81 -26.74
CA CYS A 44 -10.17 -15.25 -26.62
C CYS A 44 -11.49 -15.60 -25.92
N THR A 45 -12.08 -16.74 -26.33
CA THR A 45 -13.10 -17.39 -25.51
C THR A 45 -12.42 -18.25 -24.43
N SER A 46 -13.22 -18.87 -23.55
CA SER A 46 -12.66 -19.75 -22.53
C SER A 46 -11.97 -20.96 -23.15
N GLU A 47 -12.26 -21.29 -24.41
CA GLU A 47 -11.60 -22.39 -25.10
C GLU A 47 -10.37 -21.96 -25.87
N ASP A 48 -10.29 -20.68 -26.25
CA ASP A 48 -9.15 -20.16 -26.98
C ASP A 48 -7.97 -19.85 -26.08
N MET A 49 -7.99 -20.30 -24.83
CA MET A 49 -6.95 -19.92 -23.88
C MET A 49 -5.74 -20.83 -23.86
N LEU A 50 -5.87 -22.07 -24.34
CA LEU A 50 -4.76 -23.00 -24.28
C LEU A 50 -3.66 -22.61 -25.26
N ASN A 51 -3.95 -22.60 -26.56
CA ASN A 51 -2.95 -22.31 -27.58
C ASN A 51 -3.57 -21.43 -28.64
N PRO A 52 -3.87 -20.18 -28.30
CA PRO A 52 -4.47 -19.28 -29.30
C PRO A 52 -3.45 -18.82 -30.35
N ASN A 53 -3.90 -18.78 -31.60
CA ASN A 53 -3.18 -18.02 -32.62
C ASN A 53 -3.83 -16.64 -32.68
N TYR A 54 -3.19 -15.64 -32.07
CA TYR A 54 -3.83 -14.33 -31.95
C TYR A 54 -4.03 -13.64 -33.31
N GLU A 55 -3.12 -13.84 -34.26
CA GLU A 55 -3.36 -13.27 -35.58
C GLU A 55 -4.70 -13.74 -36.14
N ASP A 56 -4.93 -15.06 -36.16
CA ASP A 56 -6.21 -15.59 -36.63
C ASP A 56 -7.39 -15.01 -35.86
N LEU A 57 -7.27 -14.98 -34.53
CA LEU A 57 -8.39 -14.53 -33.73
C LEU A 57 -8.71 -13.08 -34.01
N LEU A 58 -7.68 -12.25 -34.19
CA LEU A 58 -7.88 -10.83 -34.38
C LEU A 58 -8.45 -10.52 -35.75
N ILE A 59 -7.95 -11.19 -36.79
CA ILE A 59 -8.42 -10.87 -38.14
C ILE A 59 -9.89 -11.21 -38.24
N ARG A 60 -10.37 -12.11 -37.38
CA ARG A 60 -11.79 -12.47 -37.39
C ARG A 60 -12.65 -11.49 -36.63
N LYS A 61 -12.05 -10.46 -36.05
CA LYS A 61 -12.76 -9.45 -35.29
C LYS A 61 -12.93 -8.17 -36.09
N SER A 62 -14.01 -7.46 -35.81
CA SER A 62 -14.23 -6.11 -36.28
C SER A 62 -14.18 -5.10 -35.14
N ASN A 63 -14.23 -3.81 -35.49
CA ASN A 63 -14.27 -2.79 -34.45
C ASN A 63 -15.45 -2.97 -33.51
N HIS A 64 -16.63 -3.24 -34.07
CA HIS A 64 -17.82 -3.35 -33.24
C HIS A 64 -17.84 -4.58 -32.35
N ASN A 65 -16.87 -5.49 -32.51
CA ASN A 65 -16.78 -6.60 -31.56
C ASN A 65 -16.21 -6.17 -30.22
N PHE A 66 -15.65 -4.96 -30.12
CA PHE A 66 -15.01 -4.46 -28.91
C PHE A 66 -15.95 -3.46 -28.25
N LEU A 67 -16.46 -3.80 -27.07
CA LEU A 67 -17.27 -2.89 -26.27
C LEU A 67 -16.37 -2.28 -25.20
N VAL A 68 -16.28 -0.96 -25.17
CA VAL A 68 -15.47 -0.21 -24.20
C VAL A 68 -16.39 0.68 -23.39
N GLN A 69 -16.34 0.53 -22.08
CA GLN A 69 -17.19 1.27 -21.17
C GLN A 69 -16.32 2.05 -20.19
N ALA A 70 -16.45 3.37 -20.21
CA ALA A 70 -15.75 4.30 -19.32
C ALA A 70 -16.80 4.83 -18.36
N GLY A 71 -16.82 4.28 -17.16
CA GLY A 71 -17.91 4.58 -16.25
C GLY A 71 -19.19 3.98 -16.80
N ASN A 72 -20.19 4.81 -17.04
CA ASN A 72 -21.44 4.36 -17.65
C ASN A 72 -21.62 4.92 -19.05
N VAL A 73 -20.52 5.23 -19.74
CA VAL A 73 -20.53 5.73 -21.10
C VAL A 73 -19.86 4.72 -22.01
N GLN A 74 -20.41 4.52 -23.20
CA GLN A 74 -19.86 3.61 -24.19
C GLN A 74 -18.96 4.40 -25.12
N LEU A 75 -17.70 3.98 -25.22
CA LEU A 75 -16.78 4.57 -26.20
C LEU A 75 -16.84 3.79 -27.52
N ARG A 76 -16.92 4.51 -28.64
CA ARG A 76 -16.98 3.88 -29.95
C ARG A 76 -15.56 3.52 -30.42
N VAL A 77 -15.31 2.24 -30.67
CA VAL A 77 -14.03 1.84 -31.25
C VAL A 77 -14.08 2.09 -32.75
N ILE A 78 -13.07 2.79 -33.27
CA ILE A 78 -13.00 3.18 -34.66
C ILE A 78 -11.73 2.66 -35.34
N GLY A 79 -11.01 1.77 -34.68
CA GLY A 79 -9.81 1.21 -35.24
C GLY A 79 -9.11 0.35 -34.21
N HIS A 80 -8.43 -0.72 -34.66
CA HIS A 80 -7.71 -1.59 -33.73
C HIS A 80 -6.45 -2.14 -34.39
N SER A 81 -5.45 -2.42 -33.56
CA SER A 81 -4.24 -3.07 -34.00
C SER A 81 -3.69 -3.86 -32.83
N MET A 82 -2.73 -4.73 -33.11
CA MET A 82 -2.08 -5.57 -32.11
C MET A 82 -0.59 -5.24 -32.11
N GLN A 83 -0.08 -4.86 -30.96
CA GLN A 83 1.34 -4.60 -30.78
C GLN A 83 1.81 -5.63 -29.76
N ASN A 84 2.54 -6.64 -30.23
CA ASN A 84 3.02 -7.72 -29.36
C ASN A 84 1.83 -8.32 -28.64
N CYS A 85 1.77 -8.26 -27.31
CA CYS A 85 0.73 -8.93 -26.57
C CYS A 85 -0.35 -7.99 -26.07
N VAL A 86 -0.41 -6.76 -26.61
CA VAL A 86 -1.47 -5.82 -26.23
C VAL A 86 -2.24 -5.37 -27.46
N LEU A 87 -3.49 -4.98 -27.24
CA LEU A 87 -4.29 -4.36 -28.28
C LEU A 87 -4.34 -2.86 -28.04
N LYS A 88 -4.38 -2.10 -29.14
CA LYS A 88 -4.55 -0.65 -29.13
C LYS A 88 -5.86 -0.37 -29.86
N LEU A 89 -6.89 -0.04 -29.07
CA LEU A 89 -8.21 0.27 -29.61
C LEU A 89 -8.37 1.77 -29.73
N LYS A 90 -8.48 2.27 -30.95
CA LYS A 90 -8.66 3.70 -31.14
C LYS A 90 -10.13 4.00 -30.96
N VAL A 91 -10.45 4.96 -30.09
CA VAL A 91 -11.83 5.33 -29.81
C VAL A 91 -12.09 6.77 -30.30
N ASP A 92 -13.35 7.16 -30.29
CA ASP A 92 -13.76 8.41 -30.92
C ASP A 92 -13.75 9.59 -29.98
N THR A 93 -13.37 9.38 -28.72
CA THR A 93 -13.23 10.52 -27.83
C THR A 93 -11.91 10.35 -27.06
N ALA A 94 -11.14 11.41 -26.97
CA ALA A 94 -9.93 11.39 -26.16
C ALA A 94 -10.31 11.50 -24.69
N ASN A 95 -9.63 10.74 -23.82
CA ASN A 95 -9.85 10.86 -22.39
C ASN A 95 -9.54 12.27 -21.92
N PRO A 96 -10.52 13.02 -21.44
CA PRO A 96 -10.24 14.41 -21.04
C PRO A 96 -9.43 14.51 -19.75
N LYS A 97 -9.34 13.42 -18.99
CA LYS A 97 -8.58 13.35 -17.75
C LYS A 97 -7.24 12.66 -17.94
N THR A 98 -6.80 12.47 -19.18
CA THR A 98 -5.49 11.90 -19.41
C THR A 98 -4.40 12.69 -18.72
N PRO A 99 -3.58 12.08 -17.85
CA PRO A 99 -2.47 12.80 -17.24
C PRO A 99 -1.26 12.85 -18.16
N LYS A 100 -0.31 13.73 -17.81
CA LYS A 100 1.00 13.63 -18.44
C LYS A 100 1.55 12.24 -18.15
N TYR A 101 2.05 11.51 -19.16
CA TYR A 101 2.46 10.13 -18.92
C TYR A 101 3.59 9.77 -19.86
N LYS A 102 4.16 8.59 -19.58
CA LYS A 102 5.18 8.00 -20.42
C LYS A 102 5.11 6.49 -20.24
N PHE A 103 5.61 5.77 -21.22
CA PHE A 103 5.71 4.32 -21.16
C PHE A 103 7.19 3.98 -20.94
N VAL A 104 7.47 3.16 -19.93
CA VAL A 104 8.83 2.76 -19.61
C VAL A 104 8.88 1.25 -19.34
N ARG A 105 9.99 0.66 -19.68
CA ARG A 105 10.28 -0.72 -19.36
C ARG A 105 11.25 -0.71 -18.17
N ILE A 106 10.81 -1.25 -17.05
CA ILE A 106 11.65 -1.29 -15.86
C ILE A 106 12.52 -2.54 -15.86
N GLN A 107 13.58 -2.52 -15.04
CA GLN A 107 14.64 -3.45 -14.72
C GLN A 107 14.20 -4.34 -13.55
N PRO A 108 14.56 -5.61 -13.56
CA PRO A 108 14.40 -6.40 -12.33
C PRO A 108 15.05 -5.66 -11.19
N GLY A 109 14.37 -5.66 -10.04
CA GLY A 109 14.78 -4.92 -8.87
C GLY A 109 14.01 -3.64 -8.63
N GLN A 110 13.43 -3.06 -9.67
CA GLN A 110 12.66 -1.83 -9.50
C GLN A 110 11.26 -2.16 -8.97
N THR A 111 10.63 -1.16 -8.36
CA THR A 111 9.27 -1.28 -7.85
C THR A 111 8.28 -0.37 -8.59
N PHE A 112 6.99 -0.59 -8.31
CA PHE A 112 5.93 0.23 -8.85
C PHE A 112 4.65 -0.02 -8.06
N SER A 113 3.70 0.88 -8.24
CA SER A 113 2.38 0.75 -7.62
C SER A 113 1.43 0.07 -8.59
N VAL A 114 0.65 -0.88 -8.10
CA VAL A 114 -0.36 -1.57 -8.89
C VAL A 114 -1.72 -1.06 -8.42
N LEU A 115 -2.58 -0.70 -9.38
CA LEU A 115 -3.98 -0.42 -9.08
C LEU A 115 -4.77 -1.60 -9.60
N ALA A 116 -5.14 -2.50 -8.70
CA ALA A 116 -5.88 -3.69 -9.08
C ALA A 116 -7.31 -3.31 -9.41
N CYS A 117 -7.78 -3.72 -10.59
CA CYS A 117 -9.09 -3.33 -11.08
C CYS A 117 -9.87 -4.53 -11.63
N TYR A 118 -11.19 -4.39 -11.58
CA TYR A 118 -12.13 -5.39 -12.10
C TYR A 118 -13.25 -4.64 -12.78
N ASN A 119 -13.59 -5.04 -14.02
CA ASN A 119 -14.67 -4.42 -14.75
C ASN A 119 -14.48 -2.91 -14.86
N GLY A 120 -13.24 -2.50 -15.03
CA GLY A 120 -12.92 -1.10 -15.24
C GLY A 120 -12.97 -0.23 -13.99
N SER A 121 -13.15 -0.82 -12.82
CA SER A 121 -13.28 -0.12 -11.55
C SER A 121 -12.20 -0.56 -10.55
N PRO A 122 -11.71 0.36 -9.74
CA PRO A 122 -10.55 0.03 -8.90
C PRO A 122 -10.95 -0.68 -7.61
N SER A 123 -10.16 -1.69 -7.23
CA SER A 123 -10.33 -2.36 -5.94
C SER A 123 -9.35 -1.88 -4.86
N GLY A 124 -8.08 -1.67 -5.21
CA GLY A 124 -7.08 -1.30 -4.24
C GLY A 124 -5.73 -1.11 -4.90
N VAL A 125 -4.81 -0.56 -4.12
CA VAL A 125 -3.47 -0.26 -4.59
C VAL A 125 -2.45 -0.87 -3.64
N TYR A 126 -1.34 -1.33 -4.20
CA TYR A 126 -0.26 -1.90 -3.42
C TYR A 126 1.03 -1.80 -4.23
N GLN A 127 2.14 -1.96 -3.52
CA GLN A 127 3.47 -1.90 -4.12
C GLN A 127 3.91 -3.30 -4.55
N CYS A 128 4.63 -3.36 -5.68
CA CYS A 128 5.23 -4.58 -6.20
C CYS A 128 6.65 -4.27 -6.66
N ALA A 129 7.53 -5.26 -6.54
CA ALA A 129 8.83 -5.25 -7.18
C ALA A 129 8.88 -6.24 -8.38
N MET A 130 9.57 -5.85 -9.44
CA MET A 130 9.89 -6.82 -10.49
C MET A 130 11.00 -7.78 -10.03
N ARG A 131 10.66 -9.06 -9.85
CA ARG A 131 11.62 -9.99 -9.31
C ARG A 131 12.70 -10.25 -10.33
N PRO A 132 13.87 -10.72 -9.89
CA PRO A 132 14.91 -11.15 -10.85
C PRO A 132 14.43 -12.19 -11.84
N ASN A 133 13.42 -12.98 -11.51
CA ASN A 133 12.91 -13.94 -12.48
C ASN A 133 11.69 -13.40 -13.27
N PHE A 134 11.50 -12.08 -13.29
CA PHE A 134 10.50 -11.38 -14.11
C PHE A 134 9.07 -11.66 -13.69
N THR A 135 8.85 -12.17 -12.47
CA THR A 135 7.50 -12.27 -11.92
C THR A 135 7.29 -11.15 -10.90
N ILE A 136 6.03 -10.92 -10.55
CA ILE A 136 5.68 -10.07 -9.41
C ILE A 136 4.76 -10.85 -8.49
N LYS A 137 4.80 -10.48 -7.22
CA LYS A 137 4.04 -11.16 -6.18
C LYS A 137 2.88 -10.24 -5.85
N GLY A 138 1.77 -10.39 -6.59
CA GLY A 138 0.66 -9.54 -6.52
C GLY A 138 -0.59 -10.17 -5.88
N SER A 139 -1.71 -9.51 -6.06
CA SER A 139 -2.98 -10.03 -5.57
C SER A 139 -3.95 -9.77 -6.73
N PHE A 140 -4.14 -10.81 -7.57
CA PHE A 140 -4.85 -10.70 -8.84
C PHE A 140 -5.79 -11.89 -9.01
N LEU A 141 -7.04 -11.60 -9.32
CA LEU A 141 -8.05 -12.59 -9.58
C LEU A 141 -8.47 -12.53 -11.05
N ASN A 142 -9.27 -13.50 -11.47
CA ASN A 142 -9.81 -13.43 -12.83
C ASN A 142 -10.53 -12.11 -13.07
N GLY A 143 -10.28 -11.50 -14.23
CA GLY A 143 -10.79 -10.19 -14.50
C GLY A 143 -9.80 -9.08 -14.24
N SER A 144 -8.69 -9.37 -13.56
CA SER A 144 -7.73 -8.34 -13.18
C SER A 144 -6.81 -7.95 -14.34
N ALA A 145 -6.72 -8.76 -15.39
CA ALA A 145 -5.86 -8.42 -16.51
C ALA A 145 -6.18 -7.02 -17.00
N GLY A 146 -5.14 -6.32 -17.43
CA GLY A 146 -5.30 -4.96 -17.84
C GLY A 146 -5.04 -3.93 -16.75
N SER A 147 -5.09 -4.34 -15.47
CA SER A 147 -4.59 -3.50 -14.39
C SER A 147 -3.16 -3.14 -14.66
N VAL A 148 -2.77 -1.93 -14.27
CA VAL A 148 -1.46 -1.41 -14.62
C VAL A 148 -0.62 -1.10 -13.40
N GLY A 149 0.69 -1.12 -13.61
CA GLY A 149 1.66 -0.72 -12.60
C GLY A 149 2.31 0.56 -13.09
N PHE A 150 2.68 1.42 -12.16
CA PHE A 150 3.15 2.73 -12.53
C PHE A 150 3.95 3.36 -11.40
N ASN A 151 4.72 4.39 -11.76
CA ASN A 151 5.39 5.32 -10.85
C ASN A 151 5.00 6.74 -11.23
N ILE A 152 4.91 7.62 -10.23
CA ILE A 152 4.52 9.00 -10.44
C ILE A 152 5.67 9.90 -10.00
N ASP A 153 6.10 10.79 -10.90
CA ASP A 153 7.15 11.77 -10.63
C ASP A 153 6.63 13.14 -11.02
N TYR A 154 6.64 14.08 -10.08
CA TYR A 154 5.92 15.33 -10.30
C TYR A 154 4.46 14.93 -10.48
N ASP A 155 3.87 15.20 -11.64
CA ASP A 155 2.55 14.64 -11.93
C ASP A 155 2.53 13.82 -13.23
N CYS A 156 3.71 13.39 -13.70
CA CYS A 156 3.85 12.52 -14.87
C CYS A 156 3.80 11.06 -14.43
N VAL A 157 2.80 10.35 -14.92
CA VAL A 157 2.62 8.94 -14.61
C VAL A 157 3.44 8.12 -15.60
N SER A 158 4.43 7.39 -15.09
CA SER A 158 5.24 6.48 -15.88
C SER A 158 4.62 5.10 -15.74
N PHE A 159 3.92 4.65 -16.78
CA PHE A 159 3.36 3.30 -16.79
C PHE A 159 4.46 2.33 -17.17
N CYS A 160 4.58 1.26 -16.40
CA CYS A 160 5.57 0.24 -16.65
C CYS A 160 5.08 -1.21 -16.60
N TYR A 161 3.82 -1.47 -16.27
CA TYR A 161 3.35 -2.84 -16.23
C TYR A 161 1.88 -2.92 -16.58
N MET A 162 1.49 -3.93 -17.35
CA MET A 162 0.10 -4.26 -17.56
C MET A 162 -0.04 -5.73 -17.20
N HIS A 163 -1.03 -6.07 -16.38
CA HIS A 163 -1.17 -7.44 -15.89
C HIS A 163 -1.82 -8.34 -16.96
N HIS A 164 -1.32 -9.57 -17.06
CA HIS A 164 -1.88 -10.53 -18.02
C HIS A 164 -2.29 -11.84 -17.38
N MET A 165 -1.49 -12.41 -16.48
CA MET A 165 -1.73 -13.81 -16.14
C MET A 165 -1.10 -14.19 -14.80
N GLU A 166 -1.53 -15.35 -14.32
CA GLU A 166 -1.02 -15.94 -13.09
C GLU A 166 -0.35 -17.28 -13.39
N LEU A 167 0.92 -17.40 -13.00
CA LEU A 167 1.68 -18.61 -13.15
C LEU A 167 1.31 -19.65 -12.10
N PRO A 168 1.67 -20.92 -12.32
CA PRO A 168 1.20 -21.97 -11.41
C PRO A 168 1.57 -21.80 -9.95
N THR A 169 2.77 -21.29 -9.65
CA THR A 169 3.15 -21.09 -8.26
C THR A 169 2.43 -19.91 -7.62
N GLY A 170 1.48 -19.28 -8.30
CA GLY A 170 0.76 -18.17 -7.75
C GLY A 170 1.43 -16.81 -7.88
N VAL A 171 2.57 -16.70 -8.58
CA VAL A 171 3.15 -15.40 -8.91
C VAL A 171 2.56 -14.92 -10.25
N HIS A 172 2.80 -13.66 -10.60
CA HIS A 172 2.06 -13.00 -11.65
C HIS A 172 2.97 -12.47 -12.76
N ALA A 173 2.43 -12.39 -13.96
CA ALA A 173 3.29 -12.03 -15.07
C ALA A 173 2.52 -11.09 -16.01
N GLY A 174 3.26 -10.20 -16.64
CA GLY A 174 2.69 -9.27 -17.58
C GLY A 174 3.74 -8.65 -18.48
N THR A 175 3.34 -7.56 -19.11
CA THR A 175 4.12 -6.92 -20.15
C THR A 175 4.36 -5.48 -19.77
N ASP A 176 5.22 -4.84 -20.56
CA ASP A 176 5.30 -3.39 -20.57
C ASP A 176 4.10 -2.90 -21.38
N LEU A 177 4.01 -1.57 -21.59
CA LEU A 177 2.83 -1.02 -22.24
C LEU A 177 2.96 -1.09 -23.74
N GLU A 178 4.09 -1.61 -24.21
CA GLU A 178 4.27 -1.89 -25.63
C GLU A 178 4.00 -3.36 -25.94
N GLY A 179 3.58 -4.13 -24.95
CA GLY A 179 3.15 -5.50 -25.13
C GLY A 179 4.22 -6.54 -25.05
N ASN A 180 5.47 -6.16 -24.78
CA ASN A 180 6.55 -7.11 -24.60
C ASN A 180 6.55 -7.64 -23.16
N PHE A 181 6.42 -8.96 -23.01
CA PHE A 181 6.39 -9.58 -21.69
C PHE A 181 7.67 -9.28 -20.94
N TYR A 182 7.53 -9.17 -19.64
CA TYR A 182 8.65 -9.28 -18.70
C TYR A 182 8.89 -10.78 -18.51
N GLY A 183 10.04 -11.26 -18.95
CA GLY A 183 10.40 -12.63 -18.75
C GLY A 183 10.07 -13.50 -19.95
N PRO A 184 10.37 -14.80 -19.85
CA PRO A 184 10.20 -15.71 -20.98
C PRO A 184 8.77 -16.24 -21.16
N PHE A 185 7.79 -15.56 -20.60
CA PHE A 185 6.42 -16.03 -20.55
C PHE A 185 5.64 -15.59 -21.78
N VAL A 186 4.58 -16.34 -22.06
CA VAL A 186 3.70 -16.09 -23.18
C VAL A 186 2.27 -16.17 -22.71
N ASP A 187 1.41 -15.40 -23.37
CA ASP A 187 0.01 -15.31 -22.94
C ASP A 187 -0.78 -16.48 -23.52
N ARG A 188 -0.45 -17.67 -23.02
CA ARG A 188 -1.22 -18.87 -23.31
C ARG A 188 -1.17 -19.74 -22.06
N GLN A 189 -2.05 -20.73 -21.99
CA GLN A 189 -2.12 -21.62 -20.84
C GLN A 189 -1.39 -22.95 -21.06
N THR A 190 -0.47 -22.99 -22.00
CA THR A 190 0.46 -24.11 -22.10
C THR A 190 1.36 -24.11 -20.88
N ALA A 191 2.01 -25.24 -20.64
CA ALA A 191 2.82 -25.39 -19.44
C ALA A 191 3.93 -24.35 -19.44
N GLN A 192 4.07 -23.65 -18.32
CA GLN A 192 5.10 -22.65 -18.11
C GLN A 192 5.40 -22.62 -16.62
N ALA A 193 6.61 -22.20 -16.27
CA ALA A 193 7.02 -22.10 -14.87
C ALA A 193 8.06 -21.00 -14.73
N ALA A 194 7.99 -20.28 -13.62
CA ALA A 194 8.94 -19.22 -13.38
C ALA A 194 10.29 -19.84 -13.05
N GLY A 195 11.36 -19.24 -13.54
CA GLY A 195 12.69 -19.68 -13.19
C GLY A 195 13.03 -19.41 -11.73
N THR A 196 14.17 -19.93 -11.32
CA THR A 196 14.66 -19.70 -9.97
C THR A 196 14.80 -18.20 -9.76
N ASP A 197 14.55 -17.77 -8.53
CA ASP A 197 14.59 -16.36 -8.18
C ASP A 197 15.79 -16.11 -7.28
N THR A 198 16.14 -14.84 -7.11
CA THR A 198 17.21 -14.43 -6.20
C THR A 198 16.75 -13.21 -5.44
N THR A 199 17.47 -12.91 -4.35
CA THR A 199 17.19 -11.74 -3.55
C THR A 199 17.94 -10.53 -4.06
N ILE A 200 17.26 -9.39 -4.07
CA ILE A 200 17.77 -8.16 -4.66
C ILE A 200 18.67 -7.49 -3.63
N THR A 201 19.98 -7.72 -3.73
CA THR A 201 20.91 -7.31 -2.68
C THR A 201 20.87 -5.81 -2.44
N VAL A 202 20.92 -5.01 -3.51
CA VAL A 202 20.95 -3.55 -3.33
C VAL A 202 19.72 -3.07 -2.57
N ASN A 203 18.59 -3.76 -2.71
CA ASN A 203 17.39 -3.32 -2.04
C ASN A 203 17.43 -3.68 -0.56
N VAL A 204 17.98 -4.85 -0.24
CA VAL A 204 18.13 -5.21 1.17
C VAL A 204 19.01 -4.18 1.88
N LEU A 205 20.11 -3.79 1.24
CA LEU A 205 20.98 -2.78 1.84
C LEU A 205 20.26 -1.46 2.00
N ALA A 206 19.49 -1.03 0.99
CA ALA A 206 18.74 0.21 1.15
C ALA A 206 17.79 0.13 2.34
N TRP A 207 17.17 -1.02 2.51
CA TRP A 207 16.24 -1.24 3.61
C TRP A 207 16.95 -1.22 4.96
N LEU A 208 18.16 -1.79 5.02
CA LEU A 208 18.96 -1.66 6.25
C LEU A 208 19.25 -0.19 6.59
N TYR A 209 19.56 0.61 5.57
CA TYR A 209 19.80 2.04 5.77
C TYR A 209 18.54 2.70 6.30
N ALA A 210 17.38 2.37 5.72
CA ALA A 210 16.13 2.93 6.24
C ALA A 210 15.98 2.65 7.73
N ALA A 211 16.30 1.42 8.15
CA ALA A 211 16.20 1.08 9.57
C ALA A 211 17.10 1.97 10.41
N VAL A 212 18.31 2.24 9.94
CA VAL A 212 19.24 3.09 10.66
C VAL A 212 18.70 4.51 10.73
N ILE A 213 18.15 5.00 9.62
CA ILE A 213 17.54 6.32 9.64
C ILE A 213 16.40 6.36 10.64
N ASN A 214 15.69 5.25 10.81
CA ASN A 214 14.61 5.16 11.78
C ASN A 214 15.07 4.62 13.12
N GLY A 215 16.37 4.69 13.43
CA GLY A 215 16.88 4.43 14.77
C GLY A 215 17.18 2.99 15.14
N ASP A 216 17.09 2.05 14.21
CA ASP A 216 17.45 0.66 14.48
C ASP A 216 18.91 0.45 14.10
N ARG A 217 19.70 -0.08 15.03
CA ARG A 217 21.14 -0.20 14.82
C ARG A 217 21.75 -1.47 15.37
N TRP A 218 20.96 -2.40 15.88
CA TRP A 218 21.52 -3.56 16.55
C TRP A 218 22.30 -4.45 15.61
N PHE A 219 22.02 -4.37 14.30
CA PHE A 219 22.67 -5.24 13.34
C PHE A 219 24.01 -4.68 12.86
N LEU A 220 24.36 -3.45 13.24
CA LEU A 220 25.63 -2.89 12.83
C LEU A 220 26.79 -3.56 13.55
N ASN A 221 27.98 -3.48 12.93
CA ASN A 221 29.15 -4.13 13.52
C ASN A 221 30.38 -3.34 13.13
N ARG A 222 31.50 -3.66 13.77
CA ARG A 222 32.75 -2.95 13.57
C ARG A 222 33.51 -3.43 12.35
N PHE A 223 33.03 -4.48 11.69
CA PHE A 223 33.77 -5.11 10.61
C PHE A 223 33.55 -4.39 9.28
N THR A 224 34.44 -4.69 8.36
CA THR A 224 34.28 -4.29 6.98
C THR A 224 34.55 -5.49 6.09
N THR A 225 34.35 -5.29 4.80
CA THR A 225 34.53 -6.35 3.83
C THR A 225 34.87 -5.71 2.49
N THR A 226 35.47 -6.50 1.61
CA THR A 226 35.65 -6.09 0.22
C THR A 226 34.41 -6.49 -0.57
N LEU A 227 34.25 -5.85 -1.72
CA LEU A 227 33.09 -6.17 -2.55
C LEU A 227 33.16 -7.63 -3.00
N ASN A 228 34.35 -8.12 -3.28
CA ASN A 228 34.50 -9.50 -3.76
C ASN A 228 34.28 -10.50 -2.64
N ASP A 229 34.79 -10.22 -1.44
CA ASP A 229 34.50 -11.12 -0.33
C ASP A 229 33.01 -11.16 -0.07
N PHE A 230 32.35 -10.00 -0.14
CA PHE A 230 30.92 -9.97 0.11
C PHE A 230 30.17 -10.77 -0.94
N ASN A 231 30.53 -10.62 -2.20
CA ASN A 231 29.80 -11.32 -3.25
C ASN A 231 29.97 -12.83 -3.17
N LEU A 232 31.11 -13.32 -2.65
CA LEU A 232 31.24 -14.76 -2.39
C LEU A 232 30.23 -15.23 -1.37
N VAL A 233 29.99 -14.45 -0.32
CA VAL A 233 28.93 -14.82 0.62
C VAL A 233 27.57 -14.62 -0.02
N ALA A 234 27.39 -13.52 -0.74
CA ALA A 234 26.11 -13.26 -1.38
C ALA A 234 25.66 -14.44 -2.22
N MET A 235 26.53 -14.92 -3.10
CA MET A 235 26.15 -16.04 -3.94
C MET A 235 25.79 -17.25 -3.11
N LYS A 236 26.42 -17.42 -1.95
CA LYS A 236 26.16 -18.62 -1.16
C LYS A 236 24.74 -18.63 -0.63
N TYR A 237 24.07 -17.49 -0.63
CA TYR A 237 22.74 -17.35 -0.04
C TYR A 237 21.70 -16.93 -1.07
N ASN A 238 22.00 -17.08 -2.36
CA ASN A 238 21.04 -16.78 -3.42
C ASN A 238 20.78 -15.28 -3.56
N TYR A 239 21.82 -14.48 -3.35
CA TYR A 239 21.74 -13.03 -3.46
C TYR A 239 22.42 -12.60 -4.75
N GLU A 240 21.83 -11.59 -5.38
CA GLU A 240 22.42 -10.99 -6.57
C GLU A 240 23.78 -10.43 -6.22
N PRO A 241 24.77 -10.58 -7.11
CA PRO A 241 26.05 -9.88 -6.91
C PRO A 241 25.83 -8.37 -6.79
N LEU A 242 26.50 -7.79 -5.82
CA LEU A 242 26.57 -6.35 -5.69
C LEU A 242 27.63 -5.81 -6.64
N THR A 243 27.26 -4.85 -7.48
CA THR A 243 28.15 -4.20 -8.41
C THR A 243 28.51 -2.80 -7.91
N GLN A 244 29.51 -2.21 -8.58
CA GLN A 244 29.90 -0.85 -8.26
C GLN A 244 28.77 0.14 -8.57
N ASP A 245 27.99 -0.10 -9.61
CA ASP A 245 26.83 0.76 -9.82
C ASP A 245 25.85 0.72 -8.63
N HIS A 246 25.72 -0.45 -8.00
CA HIS A 246 24.87 -0.54 -6.82
C HIS A 246 25.48 0.21 -5.64
N VAL A 247 26.79 0.12 -5.47
CA VAL A 247 27.46 0.91 -4.44
C VAL A 247 27.21 2.38 -4.66
N ASP A 248 27.30 2.83 -5.92
CA ASP A 248 27.13 4.26 -6.24
C ASP A 248 25.70 4.73 -5.93
N ILE A 249 24.72 3.90 -6.24
CA ILE A 249 23.34 4.29 -6.00
C ILE A 249 23.05 4.41 -4.52
N LEU A 250 23.74 3.64 -3.67
CA LEU A 250 23.59 3.75 -2.23
C LEU A 250 24.37 4.91 -1.62
N GLY A 251 24.98 5.75 -2.44
CA GLY A 251 25.77 6.87 -1.96
C GLY A 251 25.01 7.80 -1.03
N PRO A 252 23.91 8.36 -1.50
CA PRO A 252 23.14 9.28 -0.64
C PRO A 252 22.79 8.71 0.72
N LEU A 253 22.28 7.48 0.76
CA LEU A 253 21.93 6.85 2.03
C LEU A 253 23.17 6.60 2.89
N SER A 254 24.28 6.21 2.27
CA SER A 254 25.55 6.08 3.00
C SER A 254 25.95 7.43 3.60
N ALA A 255 25.90 8.49 2.80
CA ALA A 255 26.30 9.79 3.32
C ALA A 255 25.40 10.24 4.46
N GLN A 256 24.09 10.05 4.30
CA GLN A 256 23.14 10.55 5.31
C GLN A 256 23.36 9.86 6.64
N THR A 257 23.66 8.57 6.63
CA THR A 257 23.82 7.79 7.86
C THR A 257 25.24 7.72 8.34
N GLY A 258 26.22 8.02 7.49
CA GLY A 258 27.61 7.87 7.89
C GLY A 258 28.08 6.44 8.02
N ILE A 259 27.46 5.52 7.32
CA ILE A 259 27.87 4.13 7.30
C ILE A 259 28.31 3.82 5.89
N ALA A 260 29.58 3.48 5.72
CA ALA A 260 30.08 3.05 4.42
C ALA A 260 29.26 1.89 3.86
N VAL A 261 29.10 1.88 2.54
CA VAL A 261 28.34 0.81 1.91
C VAL A 261 28.95 -0.54 2.26
N LEU A 262 30.28 -0.66 2.15
CA LEU A 262 30.95 -1.91 2.48
C LEU A 262 30.89 -2.24 3.97
N ASP A 263 30.72 -1.24 4.84
CA ASP A 263 30.41 -1.54 6.24
C ASP A 263 29.00 -2.12 6.37
N MET A 264 28.01 -1.55 5.67
CA MET A 264 26.70 -2.19 5.68
C MET A 264 26.73 -3.57 5.09
N CYS A 265 27.56 -3.81 4.06
CA CYS A 265 27.71 -5.16 3.54
C CYS A 265 28.19 -6.12 4.62
N ALA A 266 29.15 -5.68 5.45
CA ALA A 266 29.59 -6.52 6.56
C ALA A 266 28.45 -6.82 7.51
N SER A 267 27.59 -5.84 7.76
CA SER A 267 26.40 -6.07 8.56
C SER A 267 25.52 -7.14 7.95
N LEU A 268 25.21 -7.00 6.65
CA LEU A 268 24.37 -7.96 5.97
C LEU A 268 25.03 -9.34 5.99
N LYS A 269 26.33 -9.39 5.76
CA LYS A 269 27.03 -10.68 5.82
C LYS A 269 26.74 -11.42 7.11
N GLU A 270 26.84 -10.71 8.22
CA GLU A 270 26.64 -11.32 9.52
C GLU A 270 25.19 -11.73 9.73
N LEU A 271 24.25 -10.93 9.24
CA LEU A 271 22.86 -11.32 9.24
C LEU A 271 22.64 -12.61 8.46
N LEU A 272 23.26 -12.74 7.27
CA LEU A 272 23.02 -13.93 6.46
C LEU A 272 23.64 -15.17 7.09
N GLN A 273 24.82 -15.03 7.68
CA GLN A 273 25.49 -16.20 8.26
C GLN A 273 24.94 -16.59 9.63
N ASN A 274 24.27 -15.68 10.32
CA ASN A 274 23.80 -15.97 11.67
C ASN A 274 22.31 -15.74 11.91
N GLY A 275 21.56 -15.29 10.90
CA GLY A 275 20.17 -14.99 11.13
C GLY A 275 20.03 -13.82 12.07
N MET A 276 18.80 -13.58 12.51
CA MET A 276 18.45 -12.42 13.33
C MET A 276 18.19 -12.76 14.79
N ASN A 277 18.11 -14.06 15.15
CA ASN A 277 17.92 -14.47 16.54
C ASN A 277 16.61 -13.93 17.09
N GLY A 278 15.53 -14.12 16.32
CA GLY A 278 14.22 -13.74 16.76
C GLY A 278 13.97 -12.25 16.90
N ARG A 279 14.96 -11.41 16.59
CA ARG A 279 14.72 -9.98 16.55
C ARG A 279 14.06 -9.58 15.23
N THR A 280 13.80 -8.29 15.05
CA THR A 280 13.18 -7.80 13.84
C THR A 280 13.80 -6.47 13.43
N ILE A 281 13.66 -6.15 12.14
CA ILE A 281 14.14 -4.91 11.55
C ILE A 281 12.96 -4.25 10.86
N LEU A 282 12.58 -3.05 11.31
CA LEU A 282 11.47 -2.30 10.72
C LEU A 282 10.21 -3.15 10.69
N GLY A 283 10.01 -3.93 11.73
CA GLY A 283 8.83 -4.76 11.85
C GLY A 283 8.84 -6.05 11.07
N SER A 284 10.00 -6.46 10.56
CA SER A 284 10.10 -7.64 9.70
C SER A 284 11.11 -8.60 10.27
N ALA A 285 10.75 -9.88 10.28
CA ALA A 285 11.67 -10.95 10.64
C ALA A 285 12.39 -11.55 9.44
N LEU A 286 12.11 -11.07 8.25
CA LEU A 286 12.82 -11.45 7.03
C LEU A 286 13.55 -10.22 6.48
N LEU A 287 14.63 -10.46 5.75
CA LEU A 287 15.36 -9.39 5.10
C LEU A 287 14.56 -8.94 3.88
N GLU A 288 13.94 -7.76 3.99
CA GLU A 288 13.09 -7.22 2.92
C GLU A 288 13.93 -6.72 1.75
N ASP A 289 13.50 -7.07 0.53
CA ASP A 289 14.25 -6.68 -0.66
C ASP A 289 13.35 -6.03 -1.72
N GLU A 290 12.16 -5.57 -1.34
CA GLU A 290 11.28 -4.91 -2.28
C GLU A 290 11.19 -3.42 -2.08
N PHE A 291 12.17 -2.79 -1.41
CA PHE A 291 12.30 -1.35 -1.37
C PHE A 291 13.57 -0.96 -2.14
N THR A 292 13.44 -0.08 -3.11
CA THR A 292 14.64 0.42 -3.76
C THR A 292 15.33 1.51 -2.93
N PRO A 293 16.60 1.83 -3.25
CA PRO A 293 17.19 3.04 -2.66
C PRO A 293 16.36 4.26 -2.88
N PHE A 294 15.73 4.39 -4.03
CA PHE A 294 14.85 5.53 -4.30
C PHE A 294 13.62 5.49 -3.40
N ASP A 295 13.07 4.30 -3.14
CA ASP A 295 11.91 4.21 -2.27
C ASP A 295 12.26 4.64 -0.85
N VAL A 296 13.48 4.34 -0.43
CA VAL A 296 13.89 4.73 0.90
C VAL A 296 13.98 6.25 1.01
N VAL A 297 14.63 6.89 0.04
CA VAL A 297 14.83 8.34 0.10
C VAL A 297 13.50 9.06 0.00
N ARG A 298 12.57 8.52 -0.79
CA ARG A 298 11.27 9.17 -0.95
C ARG A 298 10.48 9.20 0.35
N GLN A 299 10.63 8.18 1.20
CA GLN A 299 9.79 8.03 2.37
C GLN A 299 10.46 8.55 3.61
N CYS A 300 11.78 8.41 3.72
CA CYS A 300 12.45 8.70 4.98
C CYS A 300 12.76 10.19 5.06
N SER A 301 13.14 10.63 6.26
CA SER A 301 13.63 11.98 6.46
C SER A 301 14.98 12.16 5.75
N GLY A 302 15.49 13.40 5.79
CA GLY A 302 16.82 13.69 5.29
C GLY A 302 17.84 13.94 6.39
N SER B 1 -5.11 -15.32 -7.63
CA SER B 1 -4.72 -15.61 -6.23
C SER B 1 -3.72 -14.59 -5.67
N GLY B 2 -3.33 -14.79 -4.43
CA GLY B 2 -2.41 -13.88 -3.78
C GLY B 2 -3.09 -13.04 -2.70
N PHE B 3 -2.27 -12.50 -1.81
CA PHE B 3 -2.79 -11.76 -0.67
C PHE B 3 -1.76 -10.74 -0.24
N ARG B 4 -2.08 -9.46 -0.45
CA ARG B 4 -1.19 -8.34 -0.20
C ARG B 4 -1.84 -7.35 0.75
N LYS B 5 -1.01 -6.60 1.47
CA LYS B 5 -1.51 -5.47 2.24
C LYS B 5 -1.96 -4.39 1.25
N MET B 6 -3.28 -4.23 1.10
CA MET B 6 -3.88 -3.44 0.05
C MET B 6 -4.56 -2.22 0.65
N ALA B 7 -4.27 -1.06 0.09
CA ALA B 7 -4.97 0.17 0.42
C ALA B 7 -6.11 0.44 -0.53
N PHE B 8 -7.06 1.24 -0.04
CA PHE B 8 -8.14 1.71 -0.89
C PHE B 8 -7.61 2.65 -1.99
N PRO B 9 -8.26 2.67 -3.17
CA PRO B 9 -7.93 3.72 -4.15
C PRO B 9 -8.14 5.06 -3.49
N SER B 10 -7.21 5.98 -3.73
CA SER B 10 -7.10 7.26 -3.03
C SER B 10 -7.74 8.41 -3.77
N GLY B 11 -8.23 8.17 -5.01
CA GLY B 11 -8.67 9.27 -5.88
C GLY B 11 -9.71 10.18 -5.24
N LYS B 12 -10.70 9.59 -4.58
CA LYS B 12 -11.77 10.40 -3.99
C LYS B 12 -11.27 11.29 -2.85
N VAL B 13 -10.23 10.83 -2.13
CA VAL B 13 -9.70 11.66 -1.04
C VAL B 13 -8.70 12.69 -1.55
N GLU B 14 -8.01 12.42 -2.67
CA GLU B 14 -7.02 13.34 -3.21
C GLU B 14 -7.64 14.69 -3.50
N GLY B 15 -8.89 14.68 -3.98
CA GLY B 15 -9.52 15.93 -4.35
C GLY B 15 -10.02 16.73 -3.18
N CYS B 16 -9.91 16.20 -1.99
CA CYS B 16 -10.26 16.93 -0.78
C CYS B 16 -9.09 17.53 -0.05
N MET B 17 -7.88 17.25 -0.47
CA MET B 17 -6.70 17.69 0.24
C MET B 17 -6.33 19.12 -0.14
N VAL B 18 -6.06 19.93 0.87
CA VAL B 18 -5.65 21.32 0.67
C VAL B 18 -4.50 21.64 1.62
N GLN B 19 -3.83 22.75 1.33
CA GLN B 19 -2.73 23.27 2.15
C GLN B 19 -3.24 24.42 2.99
N VAL B 20 -2.87 24.44 4.26
CA VAL B 20 -3.22 25.52 5.19
C VAL B 20 -1.94 26.09 5.77
N THR B 21 -1.69 27.36 5.53
CA THR B 21 -0.52 28.06 6.03
C THR B 21 -1.05 29.17 6.93
N CYS B 22 -0.59 29.17 8.17
CA CYS B 22 -1.02 30.13 9.17
C CYS B 22 0.20 30.88 9.66
N GLY B 23 0.77 31.68 8.75
CA GLY B 23 1.98 32.43 9.03
C GLY B 23 3.21 31.77 8.46
N THR B 24 3.96 31.09 9.32
CA THR B 24 5.18 30.41 8.91
C THR B 24 5.00 28.90 8.81
N THR B 25 4.04 28.33 9.54
CA THR B 25 3.83 26.89 9.56
C THR B 25 2.80 26.50 8.50
N THR B 26 3.00 25.33 7.90
CA THR B 26 2.12 24.80 6.86
C THR B 26 1.84 23.34 7.16
N LEU B 27 0.58 22.96 7.07
CA LEU B 27 0.19 21.57 7.14
C LEU B 27 -1.01 21.37 6.20
N ASN B 28 -1.64 20.21 6.27
CA ASN B 28 -2.67 19.81 5.32
C ASN B 28 -4.04 19.95 5.93
N GLY B 29 -5.00 20.31 5.09
CA GLY B 29 -6.39 20.33 5.47
C GLY B 29 -7.28 19.47 4.58
N LEU B 30 -8.49 19.22 5.03
CA LEU B 30 -9.47 18.36 4.34
C LEU B 30 -10.70 19.20 4.01
N TRP B 31 -10.97 19.37 2.72
CA TRP B 31 -11.98 20.30 2.23
C TRP B 31 -13.21 19.49 1.83
N LEU B 32 -14.24 19.57 2.64
CA LEU B 32 -15.50 18.91 2.40
C LEU B 32 -16.61 19.95 2.48
N ASP B 33 -17.46 20.04 1.44
CA ASP B 33 -18.51 21.07 1.38
C ASP B 33 -17.79 22.41 1.58
N ASP B 34 -18.28 23.29 2.44
CA ASP B 34 -17.68 24.61 2.62
C ASP B 34 -16.87 24.72 3.90
N VAL B 35 -16.32 23.60 4.37
CA VAL B 35 -15.47 23.55 5.56
C VAL B 35 -14.13 22.90 5.23
N VAL B 36 -13.07 23.48 5.80
CA VAL B 36 -11.71 22.94 5.74
C VAL B 36 -11.31 22.53 7.15
N TYR B 37 -11.05 21.23 7.33
CA TYR B 37 -10.65 20.66 8.60
C TYR B 37 -9.12 20.53 8.64
N CYS B 38 -8.51 21.02 9.71
CA CYS B 38 -7.07 20.89 9.86
C CYS B 38 -6.68 20.80 11.32
N PRO B 39 -5.49 20.26 11.65
CA PRO B 39 -5.05 20.28 13.05
C PRO B 39 -4.87 21.71 13.54
N ARG B 40 -5.17 21.90 14.82
CA ARG B 40 -5.13 23.26 15.30
C ARG B 40 -3.73 23.83 15.40
N HIS B 41 -2.70 22.99 15.51
CA HIS B 41 -1.38 23.52 15.78
C HIS B 41 -0.78 24.18 14.56
N VAL B 42 -1.57 24.36 13.51
CA VAL B 42 -1.10 25.18 12.41
C VAL B 42 -0.88 26.61 12.89
N ILE B 43 -1.61 27.03 13.93
CA ILE B 43 -1.48 28.40 14.43
C ILE B 43 -0.26 28.60 15.32
N CYS B 44 0.46 27.53 15.66
CA CYS B 44 1.62 27.61 16.53
C CYS B 44 2.88 27.94 15.72
N THR B 45 3.84 28.57 16.40
CA THR B 45 5.22 28.61 15.94
C THR B 45 6.03 27.57 16.71
N SER B 46 7.29 27.40 16.33
CA SER B 46 8.10 26.38 16.98
C SER B 46 8.35 26.69 18.46
N GLU B 47 8.28 27.96 18.85
CA GLU B 47 8.42 28.32 20.26
C GLU B 47 7.16 28.02 21.07
N ASP B 48 6.04 27.70 20.40
CA ASP B 48 4.76 27.47 21.07
C ASP B 48 4.40 26.00 21.17
N MET B 49 5.13 25.12 20.49
CA MET B 49 4.69 23.73 20.38
C MET B 49 4.80 22.96 21.69
N LEU B 50 5.54 23.46 22.66
CA LEU B 50 5.73 22.74 23.91
C LEU B 50 4.42 22.67 24.69
N ASN B 51 3.93 23.81 25.17
CA ASN B 51 2.70 23.91 25.97
C ASN B 51 1.88 25.09 25.46
N PRO B 52 1.38 25.00 24.23
CA PRO B 52 0.60 26.12 23.70
C PRO B 52 -0.74 26.28 24.41
N ASN B 53 -1.16 27.53 24.56
CA ASN B 53 -2.53 27.85 24.96
C ASN B 53 -3.28 28.14 23.68
N TYR B 54 -3.97 27.13 23.14
CA TYR B 54 -4.57 27.27 21.81
C TYR B 54 -5.66 28.34 21.81
N GLU B 55 -6.45 28.42 22.89
CA GLU B 55 -7.50 29.43 22.96
C GLU B 55 -6.94 30.85 22.82
N ASP B 56 -5.76 31.09 23.40
CA ASP B 56 -5.15 32.41 23.32
C ASP B 56 -4.37 32.63 22.02
N LEU B 57 -3.84 31.56 21.43
CA LEU B 57 -3.20 31.70 20.13
C LEU B 57 -4.24 31.95 19.04
N LEU B 58 -5.46 31.42 19.22
CA LEU B 58 -6.50 31.56 18.21
C LEU B 58 -7.01 32.99 18.13
N ILE B 59 -7.28 33.61 19.28
CA ILE B 59 -7.88 34.94 19.26
C ILE B 59 -7.00 35.95 18.57
N ARG B 60 -5.68 35.67 18.51
CA ARG B 60 -4.78 36.59 17.81
C ARG B 60 -4.94 36.49 16.30
N LYS B 61 -5.59 35.43 15.82
CA LYS B 61 -5.74 35.18 14.39
C LYS B 61 -7.14 35.58 13.94
N SER B 62 -7.21 36.12 12.76
CA SER B 62 -8.49 36.39 12.11
C SER B 62 -8.54 35.61 10.79
N ASN B 63 -9.71 35.64 10.16
CA ASN B 63 -9.93 34.85 8.95
C ASN B 63 -8.80 34.99 7.95
N HIS B 64 -8.34 36.23 7.73
CA HIS B 64 -7.30 36.46 6.72
C HIS B 64 -5.95 35.91 7.15
N ASN B 65 -5.80 35.48 8.39
CA ASN B 65 -4.54 34.88 8.81
C ASN B 65 -4.34 33.46 8.27
N PHE B 66 -5.37 32.84 7.70
CA PHE B 66 -5.33 31.45 7.23
C PHE B 66 -5.25 31.46 5.71
N LEU B 67 -4.15 30.99 5.17
CA LEU B 67 -3.99 30.89 3.72
C LEU B 67 -4.24 29.43 3.34
N VAL B 68 -5.31 29.19 2.57
CA VAL B 68 -5.73 27.86 2.14
C VAL B 68 -5.64 27.82 0.64
N GLN B 69 -4.86 26.88 0.14
CA GLN B 69 -4.64 26.71 -1.29
C GLN B 69 -5.02 25.28 -1.68
N ALA B 70 -5.86 25.16 -2.72
CA ALA B 70 -6.25 23.87 -3.29
C ALA B 70 -5.61 23.86 -4.68
N GLY B 71 -4.36 23.44 -4.74
CA GLY B 71 -3.68 23.42 -6.01
C GLY B 71 -3.43 24.84 -6.49
N ASN B 72 -3.89 25.13 -7.71
CA ASN B 72 -3.67 26.40 -8.38
C ASN B 72 -4.73 27.44 -8.00
N VAL B 73 -5.50 27.22 -6.94
CA VAL B 73 -6.57 28.13 -6.56
C VAL B 73 -6.56 28.35 -5.05
N GLN B 74 -6.81 29.58 -4.63
CA GLN B 74 -6.85 29.97 -3.22
C GLN B 74 -8.28 30.09 -2.74
N LEU B 75 -8.54 29.60 -1.53
CA LEU B 75 -9.88 29.59 -0.95
C LEU B 75 -9.95 30.68 0.11
N ARG B 76 -10.86 31.61 -0.07
CA ARG B 76 -11.04 32.67 0.91
C ARG B 76 -11.67 32.09 2.17
N VAL B 77 -11.00 32.26 3.30
CA VAL B 77 -11.57 31.87 4.58
C VAL B 77 -12.51 32.98 5.06
N ILE B 78 -13.73 32.61 5.42
CA ILE B 78 -14.75 33.57 5.82
C ILE B 78 -15.24 33.17 7.20
N GLY B 79 -14.40 32.47 7.93
CA GLY B 79 -14.79 32.09 9.28
C GLY B 79 -13.88 31.01 9.82
N HIS B 80 -13.73 30.95 11.14
CA HIS B 80 -12.84 29.97 11.75
C HIS B 80 -13.32 29.67 13.16
N SER B 81 -13.25 28.39 13.54
CA SER B 81 -13.59 27.99 14.89
C SER B 81 -12.77 26.77 15.26
N MET B 82 -12.71 26.50 16.57
CA MET B 82 -11.95 25.38 17.12
C MET B 82 -12.92 24.36 17.70
N GLN B 83 -12.78 23.11 17.28
CA GLN B 83 -13.52 21.99 17.86
C GLN B 83 -12.48 20.98 18.34
N ASN B 84 -12.37 20.82 19.66
CA ASN B 84 -11.35 19.95 20.24
C ASN B 84 -9.99 20.28 19.64
N CYS B 85 -9.40 19.34 18.90
CA CYS B 85 -8.04 19.53 18.41
C CYS B 85 -7.94 19.83 16.93
N VAL B 86 -9.06 20.13 16.29
CA VAL B 86 -9.05 20.58 14.91
C VAL B 86 -9.65 21.96 14.80
N LEU B 87 -9.21 22.70 13.80
CA LEU B 87 -9.86 23.93 13.37
C LEU B 87 -10.80 23.61 12.23
N LYS B 88 -11.89 24.38 12.15
CA LYS B 88 -12.87 24.30 11.06
C LYS B 88 -12.89 25.67 10.40
N LEU B 89 -12.32 25.76 9.21
CA LEU B 89 -12.22 27.02 8.49
C LEU B 89 -13.31 27.05 7.41
N LYS B 90 -14.32 27.89 7.61
CA LYS B 90 -15.39 28.03 6.61
C LYS B 90 -14.88 28.82 5.41
N VAL B 91 -15.13 28.31 4.20
CA VAL B 91 -14.64 28.96 2.99
C VAL B 91 -15.87 29.36 2.16
N ASP B 92 -15.63 30.25 1.22
CA ASP B 92 -16.72 30.80 0.43
C ASP B 92 -17.15 29.88 -0.70
N THR B 93 -16.49 28.74 -0.91
CA THR B 93 -16.74 27.84 -2.04
C THR B 93 -16.83 26.41 -1.55
N ALA B 94 -17.97 25.76 -1.80
CA ALA B 94 -18.09 24.34 -1.47
C ALA B 94 -17.27 23.49 -2.45
N ASN B 95 -16.53 22.52 -1.94
CA ASN B 95 -15.61 21.75 -2.77
C ASN B 95 -16.36 20.97 -3.85
N PRO B 96 -16.18 21.29 -5.11
CA PRO B 96 -16.90 20.54 -6.16
C PRO B 96 -16.53 19.06 -6.24
N LYS B 97 -15.40 18.67 -5.62
CA LYS B 97 -14.94 17.31 -5.57
C LYS B 97 -15.33 16.58 -4.31
N THR B 98 -16.21 17.15 -3.51
CA THR B 98 -16.67 16.51 -2.29
C THR B 98 -17.31 15.16 -2.59
N PRO B 99 -16.82 14.07 -2.05
CA PRO B 99 -17.48 12.78 -2.27
C PRO B 99 -18.62 12.57 -1.28
N LYS B 100 -19.36 11.49 -1.49
CA LYS B 100 -20.23 11.00 -0.41
C LYS B 100 -19.34 10.53 0.73
N TYR B 101 -19.63 10.96 1.95
CA TYR B 101 -18.69 10.73 3.04
C TYR B 101 -19.43 10.66 4.37
N LYS B 102 -18.73 10.07 5.34
CA LYS B 102 -19.15 9.95 6.72
C LYS B 102 -17.92 10.23 7.57
N PHE B 103 -18.14 10.69 8.80
CA PHE B 103 -17.13 10.80 9.84
C PHE B 103 -17.45 9.66 10.81
N VAL B 104 -16.46 8.83 11.09
CA VAL B 104 -16.63 7.70 12.00
C VAL B 104 -15.46 7.67 12.95
N ARG B 105 -15.72 7.22 14.16
CA ARG B 105 -14.67 6.96 15.14
C ARG B 105 -14.47 5.45 15.23
N ILE B 106 -13.27 4.98 14.91
CA ILE B 106 -13.05 3.54 14.80
C ILE B 106 -12.55 2.97 16.13
N GLN B 107 -12.63 1.69 16.24
CA GLN B 107 -12.22 0.91 17.39
C GLN B 107 -10.82 0.35 17.16
N PRO B 108 -10.04 0.16 18.23
CA PRO B 108 -8.76 -0.54 18.09
C PRO B 108 -8.95 -1.88 17.38
N GLY B 109 -7.97 -2.24 16.54
CA GLY B 109 -8.08 -3.46 15.75
C GLY B 109 -8.71 -3.26 14.39
N GLN B 110 -9.28 -2.10 14.10
CA GLN B 110 -9.78 -1.84 12.77
C GLN B 110 -8.72 -1.13 11.91
N THR B 111 -8.82 -1.31 10.60
CA THR B 111 -7.83 -0.82 9.66
C THR B 111 -8.40 0.32 8.83
N PHE B 112 -7.52 1.00 8.12
CA PHE B 112 -7.87 2.09 7.24
C PHE B 112 -6.68 2.38 6.35
N SER B 113 -6.94 3.09 5.27
CA SER B 113 -5.90 3.58 4.39
C SER B 113 -5.52 5.00 4.82
N VAL B 114 -4.24 5.31 4.69
CA VAL B 114 -3.74 6.66 4.92
C VAL B 114 -3.28 7.23 3.59
N LEU B 115 -3.71 8.46 3.29
CA LEU B 115 -3.13 9.25 2.18
C LEU B 115 -2.16 10.29 2.76
N ALA B 116 -0.88 9.95 2.80
CA ALA B 116 0.15 10.84 3.30
C ALA B 116 0.24 12.04 2.40
N CYS B 117 0.22 13.25 2.99
CA CYS B 117 0.22 14.48 2.22
C CYS B 117 1.24 15.47 2.77
N TYR B 118 1.79 16.30 1.88
CA TYR B 118 2.73 17.35 2.27
C TYR B 118 2.44 18.58 1.44
N ASN B 119 2.25 19.71 2.12
CA ASN B 119 1.94 20.98 1.48
C ASN B 119 0.65 20.91 0.68
N GLY B 120 -0.31 20.10 1.17
CA GLY B 120 -1.58 19.86 0.50
C GLY B 120 -1.51 18.94 -0.71
N SER B 121 -0.34 18.42 -1.05
CA SER B 121 -0.21 17.52 -2.18
C SER B 121 -0.07 16.07 -1.70
N PRO B 122 -0.95 15.16 -2.08
CA PRO B 122 -0.76 13.76 -1.68
C PRO B 122 0.57 13.23 -2.19
N SER B 123 1.20 12.38 -1.38
CA SER B 123 2.49 11.81 -1.70
C SER B 123 2.51 10.29 -1.68
N GLY B 124 1.68 9.63 -0.87
CA GLY B 124 1.69 8.19 -0.78
C GLY B 124 0.42 7.67 -0.14
N VAL B 125 0.16 6.38 -0.36
CA VAL B 125 -0.96 5.69 0.26
C VAL B 125 -0.47 4.37 0.84
N TYR B 126 -0.93 4.06 2.04
CA TYR B 126 -0.56 2.79 2.67
C TYR B 126 -1.65 2.43 3.68
N GLN B 127 -1.62 1.17 4.11
CA GLN B 127 -2.63 0.60 5.00
C GLN B 127 -2.10 0.54 6.42
N CYS B 128 -2.94 0.94 7.38
CA CYS B 128 -2.65 0.98 8.82
C CYS B 128 -3.71 0.28 9.65
N ALA B 129 -3.37 0.04 10.93
CA ALA B 129 -4.35 -0.43 11.88
C ALA B 129 -4.26 0.45 13.13
N MET B 130 -5.38 0.71 13.75
CA MET B 130 -5.41 1.32 15.07
C MET B 130 -4.94 0.25 16.08
N ARG B 131 -3.75 0.45 16.64
CA ARG B 131 -3.20 -0.51 17.58
C ARG B 131 -4.04 -0.52 18.85
N PRO B 132 -4.04 -1.64 19.59
CA PRO B 132 -4.76 -1.67 20.89
C PRO B 132 -4.40 -0.53 21.83
N ASN B 133 -3.18 0.01 21.75
CA ASN B 133 -2.79 1.13 22.60
C ASN B 133 -3.14 2.49 21.97
N PHE B 134 -3.92 2.51 20.90
CA PHE B 134 -4.45 3.71 20.25
C PHE B 134 -3.42 4.49 19.45
N THR B 135 -2.27 3.90 19.13
CA THR B 135 -1.30 4.54 18.24
C THR B 135 -1.49 3.87 16.91
N ILE B 136 -0.90 4.45 15.88
CA ILE B 136 -0.81 3.83 14.58
C ILE B 136 0.65 3.76 14.20
N LYS B 137 1.03 2.64 13.57
CA LYS B 137 2.36 2.45 13.02
C LYS B 137 2.36 3.00 11.59
N GLY B 138 2.45 4.32 11.49
CA GLY B 138 2.41 4.98 10.20
C GLY B 138 3.79 5.30 9.68
N SER B 139 3.81 6.12 8.66
CA SER B 139 5.03 6.67 8.09
C SER B 139 4.74 8.15 7.77
N PHE B 140 5.22 9.02 8.64
CA PHE B 140 4.88 10.43 8.59
C PHE B 140 6.11 11.27 8.91
N LEU B 141 6.30 12.35 8.17
CA LEU B 141 7.38 13.30 8.43
C LEU B 141 6.80 14.65 8.84
N ASN B 142 7.69 15.57 9.20
CA ASN B 142 7.25 16.94 9.48
C ASN B 142 6.46 17.50 8.31
N GLY B 143 5.31 18.10 8.62
CA GLY B 143 4.44 18.62 7.59
C GLY B 143 3.29 17.71 7.15
N SER B 144 3.22 16.49 7.66
CA SER B 144 2.21 15.51 7.32
C SER B 144 0.94 15.64 8.10
N ALA B 145 0.95 16.39 9.21
CA ALA B 145 -0.25 16.54 10.01
C ALA B 145 -1.39 17.05 9.13
N GLY B 146 -2.60 16.58 9.43
CA GLY B 146 -3.73 16.83 8.53
C GLY B 146 -3.94 15.78 7.43
N SER B 147 -2.96 14.91 7.17
CA SER B 147 -3.23 13.71 6.39
C SER B 147 -4.33 12.90 7.07
N VAL B 148 -5.12 12.14 6.28
CA VAL B 148 -6.29 11.50 6.85
C VAL B 148 -6.26 10.01 6.53
N GLY B 149 -6.95 9.27 7.37
CA GLY B 149 -7.14 7.84 7.17
C GLY B 149 -8.62 7.62 6.92
N PHE B 150 -8.94 6.61 6.14
CA PHE B 150 -10.31 6.41 5.65
C PHE B 150 -10.54 4.96 5.25
N ASN B 151 -11.81 4.60 5.19
CA ASN B 151 -12.31 3.43 4.49
C ASN B 151 -13.34 3.88 3.45
N ILE B 152 -13.56 3.04 2.44
CA ILE B 152 -14.61 3.25 1.44
C ILE B 152 -15.60 2.11 1.54
N ASP B 153 -16.90 2.45 1.52
CA ASP B 153 -18.01 1.49 1.45
C ASP B 153 -18.83 1.82 0.20
N TYR B 154 -18.67 1.04 -0.87
CA TYR B 154 -19.34 1.31 -2.14
C TYR B 154 -18.85 2.64 -2.72
N ASP B 155 -19.59 3.71 -2.47
CA ASP B 155 -19.23 5.02 -2.97
C ASP B 155 -19.08 6.06 -1.88
N CYS B 156 -19.09 5.63 -0.61
CA CYS B 156 -19.02 6.51 0.56
C CYS B 156 -17.68 6.42 1.29
N VAL B 157 -16.98 7.56 1.40
CA VAL B 157 -15.70 7.60 2.06
C VAL B 157 -15.96 7.80 3.54
N SER B 158 -15.49 6.88 4.38
CA SER B 158 -15.63 7.00 5.82
C SER B 158 -14.29 7.47 6.36
N PHE B 159 -14.23 8.75 6.75
CA PHE B 159 -13.03 9.35 7.32
C PHE B 159 -12.99 9.02 8.81
N CYS B 160 -11.88 8.42 9.25
CA CYS B 160 -11.75 7.98 10.62
C CYS B 160 -10.55 8.56 11.37
N TYR B 161 -9.62 9.22 10.68
CA TYR B 161 -8.36 9.61 11.31
C TYR B 161 -7.82 10.86 10.64
N MET B 162 -7.30 11.80 11.46
CA MET B 162 -6.46 12.84 10.89
C MET B 162 -5.18 12.88 11.71
N HIS B 163 -4.05 13.03 11.03
CA HIS B 163 -2.77 12.85 11.68
C HIS B 163 -2.39 14.11 12.44
N HIS B 164 -1.78 13.95 13.62
CA HIS B 164 -1.35 15.12 14.37
C HIS B 164 0.11 15.07 14.81
N MET B 165 0.54 13.94 15.39
CA MET B 165 1.87 13.94 15.97
C MET B 165 2.62 12.60 15.83
N GLU B 166 3.92 12.63 16.16
CA GLU B 166 4.73 11.43 16.31
C GLU B 166 5.18 11.33 17.77
N LEU B 167 5.08 10.14 18.33
CA LEU B 167 5.52 9.86 19.69
C LEU B 167 6.99 9.46 19.72
N PRO B 168 7.59 9.46 20.92
CA PRO B 168 9.04 9.21 21.00
C PRO B 168 9.46 7.86 20.46
N THR B 169 8.61 6.83 20.54
CA THR B 169 8.96 5.52 20.01
C THR B 169 8.83 5.44 18.47
N GLY B 170 8.45 6.53 17.83
CA GLY B 170 8.29 6.50 16.38
C GLY B 170 6.93 6.06 15.86
N VAL B 171 5.96 5.85 16.72
CA VAL B 171 4.59 5.59 16.33
C VAL B 171 3.86 6.93 16.32
N HIS B 172 2.59 6.91 16.00
CA HIS B 172 1.91 8.15 15.64
C HIS B 172 0.54 8.22 16.30
N ALA B 173 0.07 9.44 16.47
CA ALA B 173 -1.18 9.65 17.17
C ALA B 173 -1.93 10.75 16.46
N GLY B 174 -3.25 10.62 16.49
CA GLY B 174 -4.09 11.62 15.88
C GLY B 174 -5.48 11.50 16.42
N THR B 175 -6.41 12.19 15.74
CA THR B 175 -7.78 12.37 16.20
C THR B 175 -8.77 11.74 15.23
N ASP B 176 -10.04 11.66 15.64
CA ASP B 176 -11.08 11.49 14.65
C ASP B 176 -11.31 12.86 13.98
N LEU B 177 -12.30 12.91 13.10
CA LEU B 177 -12.58 14.13 12.38
C LEU B 177 -13.39 15.13 13.20
N GLU B 178 -13.80 14.78 14.40
CA GLU B 178 -14.41 15.71 15.35
C GLU B 178 -13.39 16.32 16.28
N GLY B 179 -12.11 15.96 16.13
CA GLY B 179 -11.02 16.54 16.88
C GLY B 179 -10.62 15.80 18.14
N ASN B 180 -11.26 14.69 18.48
CA ASN B 180 -10.93 13.94 19.69
C ASN B 180 -9.80 12.96 19.41
N PHE B 181 -8.74 13.06 20.21
CA PHE B 181 -7.61 12.13 20.06
C PHE B 181 -8.07 10.70 20.27
N TYR B 182 -7.43 9.78 19.53
CA TYR B 182 -7.41 8.36 19.88
C TYR B 182 -6.37 8.17 20.99
N GLY B 183 -6.76 7.47 22.02
CA GLY B 183 -5.85 7.23 23.11
C GLY B 183 -5.72 8.46 24.00
N PRO B 184 -4.82 8.40 25.00
CA PRO B 184 -4.73 9.50 25.98
C PRO B 184 -3.70 10.58 25.61
N PHE B 185 -3.47 10.83 24.34
CA PHE B 185 -2.41 11.76 23.95
C PHE B 185 -2.96 13.16 23.81
N VAL B 186 -2.04 14.12 23.66
CA VAL B 186 -2.38 15.53 23.56
C VAL B 186 -1.45 16.16 22.55
N ASP B 187 -1.97 17.15 21.83
CA ASP B 187 -1.19 17.84 20.79
C ASP B 187 -0.30 18.85 21.49
N ARG B 188 0.75 18.32 22.11
CA ARG B 188 1.67 19.03 22.97
C ARG B 188 2.99 18.29 22.90
N GLN B 189 4.10 19.01 22.96
CA GLN B 189 5.41 18.37 22.94
C GLN B 189 5.94 18.16 24.36
N THR B 190 5.05 17.91 25.30
CA THR B 190 5.39 17.49 26.65
C THR B 190 5.66 15.99 26.67
N ALA B 191 6.12 15.49 27.81
CA ALA B 191 6.45 14.07 27.93
C ALA B 191 5.20 13.21 27.76
N GLN B 192 5.24 12.28 26.80
CA GLN B 192 4.15 11.33 26.59
C GLN B 192 4.74 10.03 26.09
N ALA B 193 4.07 8.92 26.42
CA ALA B 193 4.49 7.62 25.94
C ALA B 193 3.28 6.74 25.64
N ALA B 194 3.38 5.96 24.58
CA ALA B 194 2.34 4.98 24.30
C ALA B 194 2.38 3.88 25.36
N GLY B 195 1.21 3.44 25.79
CA GLY B 195 1.14 2.33 26.70
C GLY B 195 1.49 1.02 26.02
N THR B 196 1.56 -0.03 26.85
CA THR B 196 1.80 -1.37 26.35
C THR B 196 0.85 -1.67 25.20
N ASP B 197 1.39 -2.32 24.16
CA ASP B 197 0.62 -2.80 23.03
C ASP B 197 0.52 -4.33 23.05
N THR B 198 -0.50 -4.84 22.37
CA THR B 198 -0.73 -6.27 22.19
C THR B 198 -0.99 -6.52 20.72
N THR B 199 -0.91 -7.79 20.34
CA THR B 199 -1.21 -8.24 18.99
C THR B 199 -2.71 -8.51 18.86
N ILE B 200 -3.26 -8.14 17.70
CA ILE B 200 -4.70 -8.15 17.44
C ILE B 200 -5.06 -9.55 16.96
N THR B 201 -5.45 -10.37 17.92
CA THR B 201 -5.69 -11.79 17.68
C THR B 201 -6.68 -12.05 16.58
N VAL B 202 -7.81 -11.35 16.59
CA VAL B 202 -8.86 -11.65 15.63
C VAL B 202 -8.35 -11.36 14.22
N ASN B 203 -7.41 -10.43 14.08
CA ASN B 203 -6.84 -10.14 12.75
C ASN B 203 -5.86 -11.24 12.36
N VAL B 204 -5.12 -11.76 13.33
CA VAL B 204 -4.21 -12.85 12.99
C VAL B 204 -4.99 -14.03 12.47
N LEU B 205 -6.15 -14.28 13.09
CA LEU B 205 -7.00 -15.41 12.71
C LEU B 205 -7.58 -15.22 11.32
N ALA B 206 -8.02 -13.99 11.02
CA ALA B 206 -8.50 -13.68 9.67
C ALA B 206 -7.42 -13.94 8.62
N TRP B 207 -6.19 -13.50 8.91
CA TRP B 207 -5.06 -13.69 8.00
C TRP B 207 -4.70 -15.16 7.82
N LEU B 208 -4.80 -15.95 8.87
CA LEU B 208 -4.66 -17.39 8.71
C LEU B 208 -5.77 -17.96 7.83
N TYR B 209 -6.99 -17.44 7.95
CA TYR B 209 -8.05 -17.87 7.05
C TYR B 209 -7.74 -17.46 5.60
N ALA B 210 -7.20 -16.25 5.41
CA ALA B 210 -6.80 -15.82 4.08
C ALA B 210 -5.74 -16.75 3.49
N ALA B 211 -4.77 -17.16 4.31
CA ALA B 211 -3.74 -18.11 3.91
C ALA B 211 -4.38 -19.40 3.42
N VAL B 212 -5.33 -19.93 4.19
CA VAL B 212 -5.97 -21.19 3.81
C VAL B 212 -6.71 -21.03 2.49
N ILE B 213 -7.45 -19.92 2.33
CA ILE B 213 -8.17 -19.66 1.08
C ILE B 213 -7.24 -19.72 -0.10
N ASN B 214 -6.02 -19.24 0.07
CA ASN B 214 -5.02 -19.13 -0.98
C ASN B 214 -4.10 -20.36 -1.07
N GLY B 215 -4.38 -21.43 -0.34
CA GLY B 215 -3.60 -22.65 -0.45
C GLY B 215 -2.38 -22.76 0.42
N ASP B 216 -2.21 -21.86 1.37
CA ASP B 216 -1.11 -21.90 2.34
C ASP B 216 -1.70 -22.42 3.64
N ARG B 217 -1.45 -23.71 3.96
CA ARG B 217 -2.20 -24.38 5.01
C ARG B 217 -1.38 -25.38 5.84
N TRP B 218 -0.07 -25.30 5.83
CA TRP B 218 0.74 -26.24 6.56
C TRP B 218 0.49 -26.16 8.06
N PHE B 219 -0.04 -25.07 8.54
CA PHE B 219 -0.23 -24.86 9.97
C PHE B 219 -1.54 -25.47 10.48
N LEU B 220 -2.36 -26.04 9.59
CA LEU B 220 -3.61 -26.67 10.00
C LEU B 220 -3.28 -27.97 10.71
N ASN B 221 -4.10 -28.32 11.69
CA ASN B 221 -3.85 -29.50 12.50
C ASN B 221 -5.17 -30.13 12.92
N ARG B 222 -5.07 -31.31 13.52
CA ARG B 222 -6.25 -32.06 13.94
C ARG B 222 -6.69 -31.73 15.36
N PHE B 223 -6.14 -30.68 15.97
CA PHE B 223 -6.45 -30.38 17.36
C PHE B 223 -7.57 -29.34 17.45
N THR B 224 -8.08 -29.15 18.67
CA THR B 224 -9.06 -28.10 18.93
C THR B 224 -8.77 -27.50 20.29
N THR B 225 -9.60 -26.54 20.69
CA THR B 225 -9.39 -25.87 21.98
C THR B 225 -10.67 -25.17 22.39
N THR B 226 -10.79 -24.91 23.70
CA THR B 226 -11.85 -24.02 24.16
C THR B 226 -11.36 -22.59 24.05
N LEU B 227 -12.31 -21.65 24.03
CA LEU B 227 -11.97 -20.24 23.99
C LEU B 227 -11.18 -19.83 25.24
N ASN B 228 -11.59 -20.32 26.41
CA ASN B 228 -10.89 -19.92 27.63
C ASN B 228 -9.46 -20.48 27.66
N ASP B 229 -9.30 -21.74 27.26
CA ASP B 229 -7.96 -22.33 27.25
C ASP B 229 -7.08 -21.62 26.23
N PHE B 230 -7.66 -21.24 25.08
CA PHE B 230 -6.88 -20.47 24.12
C PHE B 230 -6.48 -19.12 24.69
N ASN B 231 -7.37 -18.47 25.44
CA ASN B 231 -7.07 -17.12 25.88
C ASN B 231 -5.97 -17.10 26.95
N LEU B 232 -5.85 -18.16 27.73
CA LEU B 232 -4.70 -18.25 28.61
C LEU B 232 -3.40 -18.23 27.79
N VAL B 233 -3.36 -18.98 26.68
CA VAL B 233 -2.18 -18.95 25.82
C VAL B 233 -2.01 -17.56 25.22
N ALA B 234 -3.12 -16.98 24.79
CA ALA B 234 -3.07 -15.65 24.18
C ALA B 234 -2.40 -14.64 25.11
N MET B 235 -2.85 -14.59 26.36
CA MET B 235 -2.24 -13.60 27.25
C MET B 235 -0.79 -13.89 27.51
N LYS B 236 -0.41 -15.16 27.54
CA LYS B 236 1.00 -15.51 27.74
C LYS B 236 1.87 -14.89 26.66
N TYR B 237 1.34 -14.76 25.46
CA TYR B 237 2.11 -14.22 24.35
C TYR B 237 1.71 -12.78 24.03
N ASN B 238 1.06 -12.08 24.97
CA ASN B 238 0.65 -10.70 24.79
C ASN B 238 -0.18 -10.52 23.53
N TYR B 239 -1.06 -11.48 23.27
CA TYR B 239 -2.13 -11.37 22.30
C TYR B 239 -3.40 -10.91 23.02
N GLU B 240 -4.20 -10.13 22.32
CA GLU B 240 -5.49 -9.71 22.80
C GLU B 240 -6.35 -10.95 23.08
N PRO B 241 -7.02 -11.01 24.22
CA PRO B 241 -7.99 -12.09 24.43
C PRO B 241 -9.06 -12.06 23.35
N LEU B 242 -9.51 -13.25 22.96
CA LEU B 242 -10.56 -13.40 21.96
C LEU B 242 -11.91 -13.43 22.68
N THR B 243 -12.78 -12.48 22.34
CA THR B 243 -14.15 -12.43 22.81
C THR B 243 -15.04 -13.03 21.74
N GLN B 244 -16.21 -13.56 22.14
CA GLN B 244 -17.04 -14.31 21.19
C GLN B 244 -17.58 -13.42 20.07
N ASP B 245 -17.60 -12.10 20.26
CA ASP B 245 -17.90 -11.23 19.14
C ASP B 245 -16.82 -11.38 18.06
N HIS B 246 -15.54 -11.38 18.46
CA HIS B 246 -14.46 -11.72 17.54
C HIS B 246 -14.75 -13.03 16.83
N VAL B 247 -15.20 -14.03 17.58
CA VAL B 247 -15.54 -15.33 16.99
C VAL B 247 -16.66 -15.14 15.99
N ASP B 248 -17.70 -14.40 16.38
CA ASP B 248 -18.79 -14.11 15.44
C ASP B 248 -18.27 -13.45 14.18
N ILE B 249 -17.39 -12.44 14.33
CA ILE B 249 -16.90 -11.67 13.20
C ILE B 249 -16.12 -12.55 12.25
N LEU B 250 -15.52 -13.63 12.75
CA LEU B 250 -14.84 -14.60 11.91
C LEU B 250 -15.78 -15.64 11.34
N GLY B 251 -17.06 -15.55 11.60
CA GLY B 251 -18.00 -16.54 11.13
C GLY B 251 -17.98 -16.74 9.61
N PRO B 252 -18.07 -15.65 8.86
CA PRO B 252 -18.07 -15.80 7.38
C PRO B 252 -16.83 -16.51 6.84
N LEU B 253 -15.65 -16.27 7.42
CA LEU B 253 -14.47 -16.94 6.91
C LEU B 253 -14.45 -18.41 7.32
N SER B 254 -14.91 -18.70 8.53
CA SER B 254 -15.01 -20.10 8.95
C SER B 254 -15.98 -20.88 8.06
N ALA B 255 -17.09 -20.25 7.69
CA ALA B 255 -18.06 -20.92 6.82
C ALA B 255 -17.50 -21.12 5.42
N GLN B 256 -16.73 -20.15 4.93
CA GLN B 256 -16.14 -20.25 3.60
C GLN B 256 -15.17 -21.41 3.49
N THR B 257 -14.42 -21.67 4.56
CA THR B 257 -13.36 -22.67 4.55
C THR B 257 -13.74 -23.97 5.22
N GLY B 258 -14.83 -24.01 5.99
CA GLY B 258 -15.16 -25.21 6.72
C GLY B 258 -14.26 -25.48 7.91
N ILE B 259 -13.58 -24.48 8.42
CA ILE B 259 -12.69 -24.63 9.56
C ILE B 259 -13.30 -23.89 10.73
N ALA B 260 -13.69 -24.64 11.76
CA ALA B 260 -14.25 -24.02 12.94
C ALA B 260 -13.28 -23.00 13.54
N VAL B 261 -13.82 -21.89 14.02
CA VAL B 261 -12.96 -20.83 14.57
C VAL B 261 -12.07 -21.40 15.69
N LEU B 262 -12.61 -22.33 16.49
CA LEU B 262 -11.83 -22.87 17.60
C LEU B 262 -10.78 -23.82 17.10
N ASP B 263 -10.98 -24.42 15.92
CA ASP B 263 -9.91 -25.24 15.36
C ASP B 263 -8.78 -24.37 14.84
N MET B 264 -9.13 -23.23 14.20
CA MET B 264 -8.11 -22.28 13.79
C MET B 264 -7.41 -21.66 14.99
N CYS B 265 -8.12 -21.42 16.10
CA CYS B 265 -7.45 -21.06 17.35
C CYS B 265 -6.44 -22.11 17.78
N ALA B 266 -6.75 -23.39 17.56
CA ALA B 266 -5.83 -24.46 17.86
C ALA B 266 -4.57 -24.38 17.01
N SER B 267 -4.72 -24.02 15.73
CA SER B 267 -3.54 -23.81 14.89
C SER B 267 -2.74 -22.61 15.36
N LEU B 268 -3.43 -21.53 15.74
CA LEU B 268 -2.72 -20.36 16.23
C LEU B 268 -1.99 -20.69 17.54
N LYS B 269 -2.61 -21.46 18.42
CA LYS B 269 -1.93 -21.83 19.65
C LYS B 269 -0.58 -22.51 19.39
N GLU B 270 -0.56 -23.49 18.49
CA GLU B 270 0.66 -24.21 18.17
C GLU B 270 1.69 -23.30 17.52
N LEU B 271 1.25 -22.36 16.67
CA LEU B 271 2.15 -21.39 16.11
C LEU B 271 2.80 -20.54 17.19
N LEU B 272 2.01 -20.13 18.20
CA LEU B 272 2.60 -19.29 19.24
C LEU B 272 3.58 -20.07 20.09
N GLN B 273 3.26 -21.31 20.40
CA GLN B 273 4.09 -22.10 21.30
C GLN B 273 5.32 -22.67 20.62
N ASN B 274 5.26 -22.94 19.31
CA ASN B 274 6.36 -23.60 18.63
C ASN B 274 6.96 -22.80 17.48
N GLY B 275 6.46 -21.59 17.20
CA GLY B 275 7.02 -20.80 16.15
C GLY B 275 6.70 -21.43 14.81
N MET B 276 7.30 -20.87 13.78
CA MET B 276 7.04 -21.30 12.41
C MET B 276 8.15 -22.18 11.86
N ASN B 277 9.24 -22.38 12.62
CA ASN B 277 10.36 -23.21 12.23
C ASN B 277 10.86 -22.87 10.82
N GLY B 278 11.20 -21.60 10.65
CA GLY B 278 11.71 -21.10 9.38
C GLY B 278 10.75 -21.15 8.22
N ARG B 279 9.53 -21.66 8.42
CA ARG B 279 8.51 -21.61 7.38
C ARG B 279 7.88 -20.22 7.31
N THR B 280 7.10 -19.98 6.26
CA THR B 280 6.41 -18.70 6.10
C THR B 280 4.93 -18.93 5.85
N ILE B 281 4.16 -17.87 6.09
CA ILE B 281 2.73 -17.86 5.79
C ILE B 281 2.45 -16.63 4.96
N LEU B 282 1.91 -16.84 3.78
CA LEU B 282 1.67 -15.77 2.83
C LEU B 282 2.89 -14.86 2.70
N GLY B 283 4.07 -15.49 2.65
CA GLY B 283 5.32 -14.78 2.48
C GLY B 283 5.91 -14.15 3.72
N SER B 284 5.28 -14.35 4.88
CA SER B 284 5.70 -13.67 6.10
C SER B 284 6.20 -14.69 7.12
N ALA B 285 7.27 -14.33 7.81
CA ALA B 285 7.80 -15.12 8.92
C ALA B 285 7.25 -14.68 10.26
N LEU B 286 6.42 -13.66 10.29
CA LEU B 286 5.74 -13.24 11.52
C LEU B 286 4.23 -13.38 11.31
N LEU B 287 3.48 -13.33 12.42
CA LEU B 287 2.02 -13.47 12.35
C LEU B 287 1.43 -12.08 12.14
N GLU B 288 0.86 -11.85 10.97
CA GLU B 288 0.37 -10.53 10.60
C GLU B 288 -0.97 -10.21 11.24
N ASP B 289 -1.10 -9.01 11.80
CA ASP B 289 -2.30 -8.68 12.57
C ASP B 289 -2.96 -7.38 12.10
N GLU B 290 -2.71 -6.94 10.86
CA GLU B 290 -3.33 -5.72 10.36
C GLU B 290 -4.17 -5.99 9.12
N PHE B 291 -4.78 -7.18 9.06
CA PHE B 291 -5.90 -7.49 8.18
C PHE B 291 -7.09 -7.87 9.05
N THR B 292 -8.19 -7.14 8.92
CA THR B 292 -9.44 -7.54 9.56
C THR B 292 -10.14 -8.61 8.72
N PRO B 293 -11.10 -9.33 9.33
CA PRO B 293 -11.89 -10.29 8.53
C PRO B 293 -12.57 -9.63 7.32
N PHE B 294 -12.98 -8.36 7.47
CA PHE B 294 -13.60 -7.67 6.36
C PHE B 294 -12.59 -7.42 5.28
N ASP B 295 -11.34 -7.08 5.67
CA ASP B 295 -10.27 -6.88 4.71
C ASP B 295 -10.05 -8.13 3.88
N VAL B 296 -10.05 -9.29 4.54
CA VAL B 296 -9.81 -10.54 3.84
C VAL B 296 -10.90 -10.77 2.79
N VAL B 297 -12.16 -10.71 3.21
CA VAL B 297 -13.26 -10.94 2.27
C VAL B 297 -13.22 -9.92 1.12
N ARG B 298 -12.96 -8.65 1.45
CA ARG B 298 -12.86 -7.61 0.43
C ARG B 298 -11.84 -7.96 -0.64
N GLN B 299 -10.63 -8.32 -0.23
CA GLN B 299 -9.57 -8.62 -1.18
C GLN B 299 -9.87 -9.89 -1.95
N CYS B 300 -10.21 -10.98 -1.26
CA CYS B 300 -10.34 -12.26 -1.91
C CYS B 300 -11.56 -12.34 -2.81
N SER B 301 -12.49 -11.37 -2.73
CA SER B 301 -13.65 -11.34 -3.59
C SER B 301 -13.58 -10.27 -4.67
N GLY B 302 -12.57 -9.41 -4.67
CA GLY B 302 -12.44 -8.45 -5.75
C GLY B 302 -13.44 -7.30 -5.69
N VAL B 303 -13.86 -6.87 -4.51
CA VAL B 303 -14.80 -5.76 -4.43
C VAL B 303 -14.17 -4.50 -5.01
N THR B 304 -14.97 -3.72 -5.72
CA THR B 304 -14.48 -2.53 -6.40
C THR B 304 -15.21 -1.28 -5.90
N PHE B 305 -14.62 -0.12 -6.18
CA PHE B 305 -15.14 1.17 -5.71
C PHE B 305 -15.17 2.24 -6.83
N ARG C 1 -0.11 -27.11 -11.80
CA ARG C 1 -1.31 -26.43 -12.36
C ARG C 1 -0.97 -25.85 -13.75
N GLU C 2 -1.97 -25.29 -14.42
CA GLU C 2 -1.77 -24.57 -15.67
C GLU C 2 -1.60 -23.07 -15.39
N PRO C 3 -0.92 -22.33 -16.26
CA PRO C 3 -1.00 -20.86 -16.18
C PRO C 3 -2.43 -20.42 -16.47
N MET C 4 -2.80 -19.29 -15.91
CA MET C 4 -4.17 -18.77 -16.01
C MET C 4 -4.16 -17.35 -16.52
N LEU C 5 -4.77 -17.15 -17.68
CA LEU C 5 -4.94 -15.83 -18.26
C LEU C 5 -6.06 -15.14 -17.50
N GLN C 6 -5.81 -13.96 -16.97
CA GLN C 6 -6.77 -13.34 -16.06
C GLN C 6 -7.47 -12.16 -16.73
N ARG D 1 13.55 11.52 23.67
CA ARG D 1 13.06 12.45 22.61
C ARG D 1 11.64 12.91 22.96
N GLU D 2 11.31 14.16 22.60
CA GLU D 2 9.98 14.68 22.90
C GLU D 2 9.02 14.31 21.77
N PRO D 3 7.71 14.23 22.07
CA PRO D 3 6.72 14.14 20.98
C PRO D 3 6.85 15.33 20.05
N MET D 4 6.56 15.10 18.77
CA MET D 4 6.75 16.10 17.71
C MET D 4 5.41 16.29 17.02
N LEU D 5 4.92 17.52 17.01
CA LEU D 5 3.74 17.90 16.23
C LEU D 5 4.18 18.12 14.79
N GLN D 6 3.61 17.37 13.87
CA GLN D 6 4.13 17.32 12.52
C GLN D 6 3.31 18.17 11.53
#